data_7HP5
#
_entry.id   7HP5
#
_cell.length_a   42.430
_cell.length_b   42.430
_cell.length_c   216.260
_cell.angle_alpha   90.00
_cell.angle_beta   90.00
_cell.angle_gamma   90.00
#
_symmetry.space_group_name_H-M   'P 43 2 2'
#
loop_
_entity.id
_entity.type
_entity.pdbx_description
1 polymer 'Serine protease subunit NS2B'
2 polymer 'Serine protease NS3'
3 non-polymer 'DIMETHYL SULFOXIDE'
4 non-polymer 4-methoxy-2-(piperazin-1-yl)-6-{[(pyrimidin-5-yl)oxy]methyl}pyrimidine
5 water water
#
loop_
_entity_poly.entity_id
_entity_poly.type
_entity_poly.pdbx_seq_one_letter_code
_entity_poly.pdbx_strand_id
1 'polypeptide(L)' SMGKSVDMYIERAGDITWEKDAEVTGNSPRLDVALDESGDFSLVEE A
2 'polypeptide(L)'
;MKEVKKGETTDGVYRVMTRRLLGSTQVGVGVMQEGVFHTMWHVTKGAALRSGEGRLDPYWGDVKQDLVSYCGPWKLDAAW
DGLSEVQLLAVPPGERAKNIQTLPGIFKTKDGDIGAVALDYPAGTSGSPILDKCGRVIGLYGNGVVIKNGSYVSAITQGK
REEETPVE
;
B
#
loop_
_chem_comp.id
_chem_comp.type
_chem_comp.name
_chem_comp.formula
A1BHA non-polymer 4-methoxy-2-(piperazin-1-yl)-6-{[(pyrimidin-5-yl)oxy]methyl}pyrimidine 'C14 H18 N6 O2'
DMS non-polymer 'DIMETHYL SULFOXIDE' 'C2 H6 O S'
#
# COMPACT_ATOMS: atom_id res chain seq x y z
N ASP A 7 18.32 10.37 3.95
CA ASP A 7 17.55 10.88 2.78
C ASP A 7 17.03 9.69 1.99
N MET A 8 15.71 9.59 1.90
CA MET A 8 15.02 8.55 1.11
C MET A 8 14.86 9.05 -0.33
N TYR A 9 14.77 8.11 -1.25
CA TYR A 9 14.62 8.35 -2.71
C TYR A 9 13.73 7.24 -3.28
N ILE A 10 13.11 7.51 -4.43
CA ILE A 10 12.18 6.57 -5.11
C ILE A 10 12.83 6.09 -6.42
N GLU A 11 12.54 4.82 -6.79
CA GLU A 11 12.87 4.20 -8.12
C GLU A 11 11.62 3.51 -8.66
N ARG A 12 11.29 3.75 -9.93
CA ARG A 12 10.09 3.16 -10.59
C ARG A 12 10.26 1.64 -10.63
N ALA A 13 9.19 0.87 -10.38
CA ALA A 13 9.21 -0.61 -10.27
C ALA A 13 8.21 -1.26 -11.22
N GLY A 14 7.31 -0.51 -11.86
CA GLY A 14 6.48 -1.05 -12.94
C GLY A 14 5.25 -0.20 -13.20
N ASP A 15 4.45 -0.58 -14.20
CA ASP A 15 3.13 0.03 -14.51
C ASP A 15 2.11 -0.51 -13.51
N ILE A 16 0.95 0.17 -13.40
CA ILE A 16 -0.19 -0.31 -12.57
C ILE A 16 -1.26 -0.83 -13.54
N THR A 17 -1.35 -2.15 -13.66
N THR A 17 -1.36 -2.16 -13.68
N THR A 17 -1.35 -2.15 -13.66
N THR A 17 -1.36 -2.16 -13.68
CA THR A 17 -2.20 -2.91 -14.63
CA THR A 17 -2.25 -2.86 -14.64
CA THR A 17 -2.20 -2.91 -14.63
CA THR A 17 -2.25 -2.86 -14.64
C THR A 17 -2.72 -4.19 -13.98
C THR A 17 -2.70 -4.20 -14.05
C THR A 17 -2.72 -4.19 -13.98
C THR A 17 -2.70 -4.20 -14.05
N TRP A 18 -3.93 -4.62 -14.39
CA TRP A 18 -4.46 -5.96 -14.04
C TRP A 18 -3.79 -6.98 -14.97
N GLU A 19 -3.13 -8.01 -14.41
CA GLU A 19 -2.45 -9.08 -15.20
C GLU A 19 -3.31 -10.34 -15.21
N LYS A 20 -4.03 -10.61 -16.31
CA LYS A 20 -4.78 -11.89 -16.56
C LYS A 20 -3.84 -13.08 -16.32
N ASP A 21 -4.35 -14.12 -15.68
CA ASP A 21 -3.53 -15.29 -15.26
C ASP A 21 -2.34 -14.78 -14.42
N ALA A 22 -2.62 -13.97 -13.40
CA ALA A 22 -1.74 -13.81 -12.21
C ALA A 22 -1.94 -15.01 -11.29
N GLU A 23 -0.93 -15.34 -10.49
CA GLU A 23 -0.96 -16.31 -9.37
C GLU A 23 -2.10 -15.95 -8.40
N VAL A 24 -3.12 -16.82 -8.29
CA VAL A 24 -4.33 -16.65 -7.42
C VAL A 24 -4.13 -17.42 -6.11
N THR A 25 -3.81 -16.74 -5.00
CA THR A 25 -3.70 -17.36 -3.65
C THR A 25 -4.34 -16.44 -2.59
N GLY A 26 -4.16 -16.80 -1.31
CA GLY A 26 -4.70 -16.11 -0.12
C GLY A 26 -6.15 -16.48 0.19
N ASN A 27 -6.45 -16.62 1.47
CA ASN A 27 -7.83 -16.79 2.02
C ASN A 27 -8.48 -15.41 2.25
N SER A 28 -9.65 -15.37 2.89
CA SER A 28 -10.61 -14.23 2.87
C SER A 28 -11.26 -14.02 4.23
N PRO A 29 -10.47 -13.88 5.33
CA PRO A 29 -11.00 -13.98 6.69
C PRO A 29 -11.71 -12.71 7.19
N ARG A 30 -12.81 -12.87 7.94
CA ARG A 30 -13.55 -11.77 8.62
C ARG A 30 -12.99 -11.63 10.04
N LEU A 31 -12.41 -10.49 10.39
CA LEU A 31 -11.73 -10.27 11.69
C LEU A 31 -12.31 -9.03 12.38
N ASP A 32 -12.51 -9.09 13.70
CA ASP A 32 -12.94 -7.94 14.53
C ASP A 32 -11.71 -7.19 15.00
N VAL A 33 -11.58 -5.90 14.61
CA VAL A 33 -10.34 -5.10 14.87
C VAL A 33 -10.68 -3.72 15.44
N ALA A 34 -9.79 -3.23 16.28
CA ALA A 34 -9.77 -1.83 16.78
C ALA A 34 -8.60 -1.09 16.14
N LEU A 35 -8.75 0.22 15.95
CA LEU A 35 -7.74 1.14 15.36
C LEU A 35 -7.45 2.25 16.38
N ASP A 36 -6.24 2.27 16.95
CA ASP A 36 -5.84 3.26 17.99
C ASP A 36 -5.48 4.58 17.28
N GLU A 37 -5.22 5.61 18.08
CA GLU A 37 -4.85 6.97 17.64
C GLU A 37 -3.54 6.94 16.85
N SER A 38 -2.66 5.95 17.10
CA SER A 38 -1.33 5.81 16.46
C SER A 38 -1.44 5.12 15.10
N GLY A 39 -2.65 4.76 14.64
CA GLY A 39 -2.87 4.08 13.34
C GLY A 39 -2.51 2.59 13.37
N ASP A 40 -2.33 2.01 14.56
CA ASP A 40 -2.02 0.56 14.75
C ASP A 40 -3.33 -0.22 14.92
N PHE A 41 -3.63 -1.17 14.02
CA PHE A 41 -4.77 -2.10 14.17
C PHE A 41 -4.41 -3.20 15.17
N SER A 42 -5.43 -3.74 15.84
CA SER A 42 -5.29 -4.81 16.86
C SER A 42 -6.48 -5.78 16.79
N LEU A 43 -6.26 -7.03 17.24
CA LEU A 43 -7.31 -8.08 17.25
C LEU A 43 -8.18 -7.91 18.50
N VAL A 44 -9.48 -7.69 18.27
CA VAL A 44 -10.56 -7.66 19.30
C VAL A 44 -11.19 -9.05 19.34
N GLU A 45 -10.83 -9.86 20.34
CA GLU A 45 -11.32 -11.28 20.42
C GLU A 45 -12.33 -11.41 21.56
N GLY B 7 12.45 15.59 -11.87
CA GLY B 7 12.61 14.13 -11.60
C GLY B 7 11.66 13.27 -12.43
N GLU B 8 11.63 11.95 -12.20
CA GLU B 8 10.64 11.02 -12.81
C GLU B 8 9.29 11.25 -12.16
N THR B 9 8.29 11.69 -12.93
N THR B 9 8.32 11.66 -12.97
N THR B 9 8.29 11.69 -12.93
N THR B 9 8.32 11.66 -12.97
CA THR B 9 6.90 11.91 -12.45
CA THR B 9 6.93 12.02 -12.59
CA THR B 9 6.90 11.91 -12.45
CA THR B 9 6.93 12.02 -12.59
C THR B 9 5.93 11.04 -13.25
C THR B 9 5.94 11.02 -13.20
C THR B 9 5.93 11.04 -13.25
C THR B 9 5.94 11.02 -13.20
N THR B 10 6.44 9.94 -13.83
CA THR B 10 5.61 8.99 -14.61
C THR B 10 4.68 8.24 -13.65
N ASP B 11 3.40 8.15 -13.98
CA ASP B 11 2.44 7.26 -13.27
C ASP B 11 3.06 5.87 -13.14
N GLY B 12 2.73 5.15 -12.05
CA GLY B 12 3.17 3.76 -11.82
C GLY B 12 3.60 3.55 -10.39
N VAL B 13 4.26 2.44 -10.09
CA VAL B 13 4.57 2.02 -8.69
C VAL B 13 6.08 2.15 -8.50
N TYR B 14 6.50 2.52 -7.30
CA TYR B 14 7.89 2.93 -7.00
C TYR B 14 8.31 2.25 -5.72
N ARG B 15 9.57 1.88 -5.64
CA ARG B 15 10.20 1.52 -4.36
C ARG B 15 10.58 2.82 -3.65
N VAL B 16 10.58 2.76 -2.32
CA VAL B 16 11.05 3.82 -1.40
C VAL B 16 12.31 3.27 -0.72
N MET B 17 13.47 3.89 -0.93
CA MET B 17 14.80 3.41 -0.48
C MET B 17 15.44 4.41 0.48
N THR B 18 16.28 3.92 1.41
CA THR B 18 17.18 4.73 2.29
C THR B 18 18.61 4.18 2.18
N ARG B 19 19.62 5.04 2.35
CA ARG B 19 21.03 4.60 2.46
C ARG B 19 21.51 4.76 3.91
N ARG B 20 20.61 5.16 4.83
CA ARG B 20 20.95 5.50 6.24
C ARG B 20 21.35 4.23 7.01
N LEU B 21 20.91 3.06 6.55
CA LEU B 21 21.29 1.74 7.11
C LEU B 21 22.46 1.17 6.30
N LEU B 22 22.73 -0.12 6.47
CA LEU B 22 23.67 -0.86 5.60
C LEU B 22 23.15 -0.82 4.17
N GLY B 23 24.04 -0.76 3.19
CA GLY B 23 23.69 -0.80 1.76
C GLY B 23 22.57 0.18 1.42
N SER B 24 21.86 -0.08 0.34
CA SER B 24 20.54 0.52 0.03
C SER B 24 19.49 -0.44 0.57
N THR B 25 18.46 0.09 1.24
CA THR B 25 17.40 -0.69 1.93
C THR B 25 16.01 -0.17 1.50
N GLN B 26 15.13 -1.08 1.08
CA GLN B 26 13.73 -0.74 0.66
C GLN B 26 12.82 -0.72 1.90
N VAL B 27 12.44 0.48 2.34
CA VAL B 27 11.63 0.70 3.57
C VAL B 27 10.15 0.64 3.20
N GLY B 28 9.79 0.71 1.92
CA GLY B 28 8.39 0.69 1.50
C GLY B 28 8.20 0.89 0.00
N VAL B 29 6.98 1.18 -0.42
CA VAL B 29 6.51 1.24 -1.84
C VAL B 29 5.52 2.39 -1.97
N GLY B 30 5.23 2.86 -3.17
CA GLY B 30 4.25 3.93 -3.32
C GLY B 30 3.77 3.99 -4.72
N VAL B 31 2.81 4.87 -4.97
CA VAL B 31 2.08 5.02 -6.25
C VAL B 31 2.14 6.47 -6.70
N MET B 32 2.71 6.72 -7.89
CA MET B 32 2.65 8.04 -8.56
C MET B 32 1.40 8.01 -9.43
N GLN B 33 0.53 9.01 -9.30
CA GLN B 33 -0.62 9.21 -10.21
C GLN B 33 -0.96 10.69 -10.20
N GLU B 34 -1.25 11.25 -11.37
CA GLU B 34 -1.60 12.69 -11.52
C GLU B 34 -0.50 13.54 -10.86
N GLY B 35 0.75 13.11 -10.96
CA GLY B 35 1.91 13.88 -10.47
C GLY B 35 1.94 13.96 -8.96
N VAL B 36 1.15 13.14 -8.27
CA VAL B 36 1.16 13.02 -6.79
C VAL B 36 1.75 11.66 -6.41
N PHE B 37 2.61 11.62 -5.38
CA PHE B 37 3.14 10.34 -4.85
C PHE B 37 2.42 9.98 -3.55
N HIS B 38 1.89 8.76 -3.51
CA HIS B 38 1.02 8.21 -2.43
C HIS B 38 1.76 7.06 -1.74
N THR B 39 1.94 7.10 -0.43
CA THR B 39 2.54 5.95 0.27
C THR B 39 1.91 5.87 1.65
N MET B 40 2.46 5.02 2.51
CA MET B 40 1.95 4.87 3.90
C MET B 40 2.87 5.70 4.78
N TRP B 41 2.30 6.32 5.82
N TRP B 41 2.31 6.31 5.82
N TRP B 41 2.30 6.32 5.82
N TRP B 41 2.31 6.31 5.82
CA TRP B 41 2.99 7.29 6.72
CA TRP B 41 3.01 7.28 6.70
CA TRP B 41 2.99 7.29 6.72
CA TRP B 41 3.01 7.28 6.70
C TRP B 41 4.17 6.61 7.42
C TRP B 41 4.18 6.60 7.42
C TRP B 41 4.17 6.61 7.42
C TRP B 41 4.18 6.60 7.42
N HIS B 42 3.97 5.38 7.90
CA HIS B 42 5.03 4.63 8.63
C HIS B 42 6.22 4.35 7.70
N VAL B 43 6.05 4.37 6.38
CA VAL B 43 7.17 4.17 5.42
C VAL B 43 8.12 5.38 5.50
N THR B 44 7.64 6.61 5.27
CA THR B 44 8.48 7.84 5.20
C THR B 44 8.54 8.63 6.51
N LYS B 45 7.59 8.43 7.43
CA LYS B 45 7.37 9.27 8.65
C LYS B 45 7.19 10.75 8.30
N GLY B 46 6.73 11.08 7.09
CA GLY B 46 6.48 12.47 6.66
C GLY B 46 7.70 13.09 5.99
N ALA B 47 8.82 12.38 5.92
CA ALA B 47 10.12 12.89 5.45
C ALA B 47 10.00 13.23 3.96
N ALA B 48 10.80 14.19 3.49
CA ALA B 48 10.96 14.49 2.05
C ALA B 48 11.63 13.30 1.35
N LEU B 49 11.39 13.19 0.04
CA LEU B 49 11.91 12.17 -0.89
C LEU B 49 12.65 12.85 -2.05
N ARG B 50 13.58 12.12 -2.68
CA ARG B 50 14.38 12.53 -3.85
C ARG B 50 14.00 11.65 -5.04
N SER B 51 13.88 12.21 -6.24
CA SER B 51 13.62 11.49 -7.51
C SER B 51 14.54 12.01 -8.63
N GLY B 52 15.66 11.36 -8.88
CA GLY B 52 16.78 11.96 -9.62
C GLY B 52 17.33 13.11 -8.81
N GLU B 53 17.32 14.33 -9.36
CA GLU B 53 17.66 15.57 -8.62
C GLU B 53 16.39 16.20 -8.04
N GLY B 54 15.23 15.85 -8.59
CA GLY B 54 13.91 16.25 -8.07
C GLY B 54 13.81 16.02 -6.57
N ARG B 55 13.12 16.92 -5.86
CA ARG B 55 12.72 16.76 -4.44
C ARG B 55 11.20 16.62 -4.40
N LEU B 56 10.68 15.68 -3.63
CA LEU B 56 9.22 15.56 -3.35
C LEU B 56 9.00 16.01 -1.90
N ASP B 57 8.09 16.98 -1.70
CA ASP B 57 7.73 17.46 -0.35
C ASP B 57 6.34 16.95 0.03
N PRO B 58 6.15 16.57 1.32
CA PRO B 58 4.86 16.09 1.78
C PRO B 58 3.85 17.24 1.65
N TYR B 59 2.61 16.90 1.31
CA TYR B 59 1.50 17.86 1.10
C TYR B 59 0.37 17.54 2.10
N TRP B 60 0.03 16.27 2.27
CA TRP B 60 -1.05 15.82 3.19
C TRP B 60 -0.61 14.54 3.87
N GLY B 61 -0.92 14.39 5.15
CA GLY B 61 -0.81 13.09 5.85
C GLY B 61 -1.66 13.03 7.09
N ASP B 62 -1.91 11.82 7.57
CA ASP B 62 -2.72 11.49 8.77
C ASP B 62 -2.18 10.17 9.34
N VAL B 63 -1.49 10.23 10.48
CA VAL B 63 -0.91 9.04 11.18
C VAL B 63 -2.01 8.00 11.38
N LYS B 64 -3.27 8.43 11.59
CA LYS B 64 -4.35 7.48 11.96
C LYS B 64 -4.77 6.67 10.73
N GLN B 65 -4.95 7.32 9.58
CA GLN B 65 -5.21 6.63 8.29
C GLN B 65 -3.94 5.90 7.83
N ASP B 66 -2.77 6.25 8.39
CA ASP B 66 -1.40 5.78 8.03
C ASP B 66 -1.12 6.05 6.55
N LEU B 67 -1.54 7.22 6.05
CA LEU B 67 -1.38 7.66 4.63
C LEU B 67 -0.64 9.00 4.53
N VAL B 68 0.03 9.25 3.41
CA VAL B 68 0.76 10.53 3.11
C VAL B 68 0.86 10.73 1.60
N SER B 69 0.54 11.93 1.13
CA SER B 69 0.72 12.31 -0.29
C SER B 69 1.82 13.38 -0.40
N TYR B 70 2.48 13.43 -1.58
CA TYR B 70 3.62 14.32 -1.92
C TYR B 70 3.28 15.08 -3.21
N CYS B 71 3.46 16.42 -3.23
CA CYS B 71 3.37 17.29 -4.43
C CYS B 71 1.92 17.70 -4.70
N GLY B 72 0.98 17.15 -3.93
CA GLY B 72 -0.45 17.37 -4.17
C GLY B 72 -1.31 16.57 -3.21
N PRO B 73 -2.62 16.85 -3.24
CA PRO B 73 -3.60 16.11 -2.43
C PRO B 73 -3.81 14.67 -2.93
N TRP B 74 -4.13 13.78 -2.01
CA TRP B 74 -4.55 12.38 -2.31
C TRP B 74 -5.48 12.32 -3.52
N LYS B 75 -5.14 11.48 -4.51
CA LYS B 75 -5.76 11.41 -5.86
C LYS B 75 -6.58 10.13 -6.07
N LEU B 76 -6.34 9.06 -5.30
CA LEU B 76 -6.88 7.68 -5.52
C LEU B 76 -8.22 7.49 -4.78
N ASP B 77 -9.33 7.42 -5.50
CA ASP B 77 -10.71 7.42 -4.94
C ASP B 77 -11.43 6.09 -5.22
N ALA B 78 -10.91 5.20 -6.07
CA ALA B 78 -11.54 3.90 -6.35
C ALA B 78 -11.74 3.10 -5.06
N ALA B 79 -12.81 2.30 -4.99
CA ALA B 79 -13.18 1.49 -3.80
C ALA B 79 -13.38 0.02 -4.17
N TRP B 80 -12.94 -0.92 -3.36
CA TRP B 80 -13.42 -2.32 -3.41
C TRP B 80 -14.95 -2.30 -3.45
N ASP B 81 -15.54 -3.10 -4.33
CA ASP B 81 -17.02 -3.13 -4.57
C ASP B 81 -17.69 -4.01 -3.52
N GLY B 82 -16.91 -4.85 -2.82
CA GLY B 82 -17.33 -5.74 -1.72
C GLY B 82 -17.43 -7.19 -2.18
N LEU B 83 -17.36 -7.44 -3.50
CA LEU B 83 -17.66 -8.76 -4.14
C LEU B 83 -16.42 -9.35 -4.81
N SER B 84 -15.87 -8.66 -5.80
CA SER B 84 -14.89 -9.16 -6.79
C SER B 84 -13.53 -9.47 -6.15
N GLU B 85 -12.71 -10.30 -6.79
CA GLU B 85 -11.29 -10.49 -6.36
C GLU B 85 -10.53 -9.22 -6.76
N VAL B 86 -9.32 -9.08 -6.23
CA VAL B 86 -8.42 -7.93 -6.49
C VAL B 86 -7.01 -8.49 -6.72
N GLN B 87 -6.06 -7.64 -7.14
CA GLN B 87 -4.62 -8.01 -7.21
C GLN B 87 -3.80 -7.11 -6.29
N LEU B 88 -2.97 -7.69 -5.40
CA LEU B 88 -1.83 -6.99 -4.76
C LEU B 88 -0.73 -6.91 -5.84
N LEU B 89 -0.40 -5.73 -6.33
CA LEU B 89 0.81 -5.51 -7.18
C LEU B 89 1.93 -5.37 -6.17
N ALA B 90 2.42 -6.51 -5.69
CA ALA B 90 3.44 -6.58 -4.63
C ALA B 90 4.78 -6.18 -5.24
N VAL B 91 5.57 -5.45 -4.46
CA VAL B 91 6.92 -4.96 -4.88
C VAL B 91 7.89 -5.22 -3.74
N PRO B 92 8.35 -6.49 -3.58
CA PRO B 92 9.20 -6.85 -2.44
C PRO B 92 10.63 -6.34 -2.58
N PRO B 93 11.34 -6.17 -1.45
CA PRO B 93 12.75 -5.78 -1.49
C PRO B 93 13.56 -6.72 -2.39
N GLY B 94 14.32 -6.15 -3.33
CA GLY B 94 15.28 -6.88 -4.18
C GLY B 94 14.61 -7.82 -5.18
N GLU B 95 13.31 -7.70 -5.41
CA GLU B 95 12.55 -8.70 -6.22
C GLU B 95 11.61 -7.94 -7.14
N ARG B 96 11.24 -8.52 -8.27
CA ARG B 96 10.47 -7.87 -9.34
C ARG B 96 8.99 -7.72 -8.93
N ALA B 97 8.39 -6.57 -9.26
CA ALA B 97 6.93 -6.36 -9.16
C ALA B 97 6.22 -7.63 -9.63
N LYS B 98 5.29 -8.13 -8.82
CA LYS B 98 4.53 -9.40 -9.04
C LYS B 98 3.06 -9.19 -8.64
N ASN B 99 2.11 -9.37 -9.57
CA ASN B 99 0.65 -9.38 -9.27
C ASN B 99 0.28 -10.69 -8.57
N ILE B 100 -0.49 -10.58 -7.49
CA ILE B 100 -1.11 -11.73 -6.77
C ILE B 100 -2.60 -11.46 -6.69
N GLN B 101 -3.41 -12.25 -7.38
CA GLN B 101 -4.89 -12.13 -7.34
C GLN B 101 -5.42 -12.78 -6.05
N THR B 102 -6.42 -12.17 -5.40
CA THR B 102 -6.95 -12.64 -4.10
C THR B 102 -8.36 -12.08 -3.90
N LEU B 103 -9.16 -12.79 -3.10
CA LEU B 103 -10.48 -12.29 -2.63
C LEU B 103 -10.26 -11.74 -1.23
N PRO B 104 -10.55 -10.44 -1.03
CA PRO B 104 -10.37 -9.82 0.28
C PRO B 104 -11.39 -10.38 1.28
N GLY B 105 -10.92 -10.59 2.51
CA GLY B 105 -11.73 -10.68 3.72
C GLY B 105 -12.17 -9.30 4.20
N ILE B 106 -12.38 -9.17 5.52
CA ILE B 106 -13.05 -8.00 6.16
C ILE B 106 -12.39 -7.71 7.52
N PHE B 107 -12.13 -6.43 7.76
CA PHE B 107 -11.84 -5.83 9.07
C PHE B 107 -13.17 -5.27 9.58
N LYS B 108 -13.75 -5.86 10.63
CA LYS B 108 -14.97 -5.34 11.30
C LYS B 108 -14.54 -4.44 12.46
N THR B 109 -14.89 -3.17 12.39
CA THR B 109 -14.56 -2.14 13.40
C THR B 109 -15.83 -1.42 13.86
N LYS B 110 -15.76 -0.81 15.04
CA LYS B 110 -16.85 0.01 15.64
C LYS B 110 -17.27 1.11 14.66
N ASP B 111 -16.43 1.50 13.68
CA ASP B 111 -16.74 2.59 12.73
C ASP B 111 -17.12 2.03 11.36
N GLY B 112 -17.02 0.72 11.15
CA GLY B 112 -17.45 0.11 9.89
C GLY B 112 -16.50 -0.95 9.38
N ASP B 113 -16.86 -1.56 8.25
CA ASP B 113 -16.13 -2.69 7.62
C ASP B 113 -15.20 -2.15 6.53
N ILE B 114 -13.96 -2.64 6.52
CA ILE B 114 -12.94 -2.35 5.47
C ILE B 114 -12.55 -3.69 4.88
N GLY B 115 -12.27 -3.74 3.57
CA GLY B 115 -11.56 -4.87 2.94
C GLY B 115 -10.25 -5.20 3.65
N ALA B 116 -9.91 -6.48 3.68
CA ALA B 116 -8.61 -6.95 4.18
C ALA B 116 -8.04 -7.92 3.13
N VAL B 117 -6.71 -8.00 3.02
N VAL B 117 -6.71 -8.00 3.03
N VAL B 117 -6.71 -8.00 3.02
N VAL B 117 -6.71 -8.00 3.03
CA VAL B 117 -6.01 -8.94 2.09
CA VAL B 117 -5.97 -8.91 2.11
CA VAL B 117 -6.01 -8.94 2.09
CA VAL B 117 -5.97 -8.91 2.11
C VAL B 117 -5.01 -9.77 2.89
C VAL B 117 -5.01 -9.78 2.93
C VAL B 117 -5.01 -9.77 2.89
C VAL B 117 -5.01 -9.78 2.93
N ALA B 118 -5.22 -11.10 2.93
CA ALA B 118 -4.34 -12.05 3.65
C ALA B 118 -3.23 -12.50 2.70
N LEU B 119 -2.11 -11.78 2.72
CA LEU B 119 -0.89 -12.05 1.91
C LEU B 119 0.30 -11.57 2.72
N ASP B 120 1.32 -12.41 2.83
CA ASP B 120 2.42 -12.23 3.80
C ASP B 120 3.72 -11.95 3.03
N TYR B 121 4.18 -10.70 3.06
CA TYR B 121 5.38 -10.24 2.33
C TYR B 121 6.24 -9.46 3.30
N PRO B 122 7.54 -9.23 3.02
CA PRO B 122 8.39 -8.51 3.96
C PRO B 122 7.84 -7.09 4.15
N ALA B 123 8.19 -6.45 5.26
CA ALA B 123 7.74 -5.11 5.69
C ALA B 123 7.97 -4.05 4.60
N GLY B 124 9.11 -4.15 3.90
CA GLY B 124 9.50 -3.22 2.83
C GLY B 124 8.51 -3.22 1.67
N THR B 125 7.50 -4.10 1.73
CA THR B 125 6.43 -4.17 0.71
C THR B 125 5.30 -3.20 1.06
N SER B 126 5.28 -2.64 2.29
CA SER B 126 4.27 -1.64 2.73
C SER B 126 4.16 -0.53 1.67
N GLY B 127 2.97 -0.31 1.13
CA GLY B 127 2.62 0.77 0.20
C GLY B 127 2.37 0.22 -1.16
N SER B 128 2.70 -1.05 -1.37
CA SER B 128 2.32 -1.77 -2.60
C SER B 128 0.82 -1.54 -2.78
N PRO B 129 0.38 -1.16 -3.99
CA PRO B 129 -1.04 -0.98 -4.27
C PRO B 129 -1.92 -2.20 -4.56
N ILE B 130 -3.21 -2.05 -4.32
CA ILE B 130 -4.27 -3.09 -4.52
C ILE B 130 -5.21 -2.60 -5.63
N LEU B 131 -5.55 -3.47 -6.59
CA LEU B 131 -6.19 -3.12 -7.89
C LEU B 131 -7.53 -3.82 -8.06
N ASP B 132 -8.49 -3.07 -8.59
CA ASP B 132 -9.74 -3.60 -9.18
C ASP B 132 -9.46 -3.98 -10.63
N LYS B 133 -10.42 -4.65 -11.28
CA LYS B 133 -10.25 -5.38 -12.56
C LYS B 133 -10.01 -4.38 -13.68
N CYS B 134 -10.54 -3.15 -13.54
CA CYS B 134 -10.34 -2.01 -14.47
C CYS B 134 -8.95 -1.37 -14.29
N GLY B 135 -8.11 -1.86 -13.36
CA GLY B 135 -6.74 -1.35 -13.12
C GLY B 135 -6.66 -0.14 -12.16
N ARG B 136 -7.78 0.36 -11.63
CA ARG B 136 -7.79 1.50 -10.65
C ARG B 136 -7.29 1.07 -9.27
N VAL B 137 -6.57 1.95 -8.57
CA VAL B 137 -6.02 1.65 -7.22
C VAL B 137 -7.14 1.92 -6.19
N ILE B 138 -7.52 0.90 -5.43
CA ILE B 138 -8.63 0.94 -4.42
C ILE B 138 -7.99 0.99 -3.01
N GLY B 139 -6.66 0.94 -2.92
CA GLY B 139 -5.94 1.29 -1.67
C GLY B 139 -4.58 0.64 -1.61
N LEU B 140 -3.90 0.77 -0.48
CA LEU B 140 -2.50 0.39 -0.28
C LEU B 140 -2.45 -0.69 0.78
N TYR B 141 -1.64 -1.70 0.52
CA TYR B 141 -1.31 -2.86 1.39
C TYR B 141 -0.21 -2.43 2.33
N GLY B 142 -0.23 -2.86 3.60
CA GLY B 142 0.92 -2.69 4.51
C GLY B 142 0.58 -2.13 5.86
N ASN B 143 -0.71 -1.88 6.15
CA ASN B 143 -1.18 -1.59 7.54
C ASN B 143 -2.32 -2.55 7.91
N GLY B 144 -2.28 -3.13 9.10
CA GLY B 144 -3.09 -4.30 9.47
C GLY B 144 -2.49 -5.07 10.63
N VAL B 145 -2.67 -6.39 10.62
CA VAL B 145 -2.66 -7.20 11.87
C VAL B 145 -2.07 -8.60 11.61
N VAL B 146 -1.51 -9.19 12.67
CA VAL B 146 -1.00 -10.60 12.77
C VAL B 146 -2.08 -11.46 13.45
N ILE B 147 -2.46 -12.59 12.82
CA ILE B 147 -3.59 -13.46 13.25
C ILE B 147 -3.03 -14.71 13.94
N LYS B 148 -3.92 -15.45 14.62
CA LYS B 148 -3.65 -16.71 15.38
C LYS B 148 -2.42 -17.41 14.82
N ASN B 149 -2.51 -17.78 13.53
CA ASN B 149 -1.55 -18.64 12.78
C ASN B 149 -0.12 -18.09 12.91
N GLY B 150 0.03 -16.78 13.12
CA GLY B 150 1.31 -16.06 12.99
C GLY B 150 1.43 -15.31 11.66
N SER B 151 0.49 -15.55 10.74
N SER B 151 0.49 -15.56 10.75
N SER B 151 0.49 -15.55 10.74
N SER B 151 0.49 -15.56 10.75
CA SER B 151 0.43 -14.93 9.40
CA SER B 151 0.40 -14.94 9.40
CA SER B 151 0.43 -14.93 9.40
CA SER B 151 0.40 -14.94 9.40
C SER B 151 -0.08 -13.49 9.53
C SER B 151 -0.08 -13.48 9.54
C SER B 151 -0.08 -13.49 9.53
C SER B 151 -0.08 -13.48 9.54
N TYR B 152 0.16 -12.68 8.50
CA TYR B 152 -0.14 -11.24 8.49
C TYR B 152 -1.36 -10.94 7.58
N VAL B 153 -2.30 -10.12 8.04
CA VAL B 153 -3.47 -9.64 7.24
C VAL B 153 -3.47 -8.12 7.22
N SER B 154 -3.50 -7.52 6.04
CA SER B 154 -3.44 -6.05 5.83
C SER B 154 -4.82 -5.54 5.47
N ALA B 155 -5.16 -4.33 5.94
CA ALA B 155 -6.27 -3.53 5.40
C ALA B 155 -5.98 -3.12 3.94
N ILE B 156 -7.07 -2.96 3.18
CA ILE B 156 -7.15 -2.10 1.98
C ILE B 156 -7.36 -0.67 2.51
N THR B 157 -6.28 0.09 2.69
CA THR B 157 -6.24 1.51 3.17
C THR B 157 -6.35 2.44 1.96
N GLN B 158 -7.46 3.19 1.85
CA GLN B 158 -7.78 4.21 0.81
C GLN B 158 -7.97 5.58 1.47
N GLY B 159 -7.50 6.65 0.84
CA GLY B 159 -7.67 8.01 1.35
C GLY B 159 -8.89 8.63 0.70
N LYS B 160 -9.24 9.86 1.08
CA LYS B 160 -10.39 10.60 0.51
C LYS B 160 -9.85 11.66 -0.44
N ARG B 161 -10.42 11.76 -1.64
CA ARG B 161 -10.04 12.76 -2.68
C ARG B 161 -10.98 13.97 -2.51
N GLU B 162 -10.50 15.18 -2.82
CA GLU B 162 -11.23 16.46 -2.62
C GLU B 162 -11.85 16.90 -3.95
S DMS C . 4.31 -5.91 6.23
S DMS C . 4.31 -5.91 6.23
O DMS C . 3.79 -7.18 6.86
O DMS C . 3.79 -7.18 6.86
C1 DMS C . 3.93 -4.60 7.36
C1 DMS C . 3.93 -4.60 7.36
C2 DMS C . 3.15 -5.50 4.97
C2 DMS C . 3.15 -5.50 4.97
S DMS D . 10.44 14.18 9.80
O DMS D . 8.97 14.26 9.46
C1 DMS D . 11.31 14.38 8.28
C2 DMS D . 10.82 12.47 10.09
S DMS E . 1.66 -3.39 10.34
S DMS E . 1.66 -3.39 10.34
O DMS E . 0.19 -3.27 10.66
O DMS E . 0.19 -3.27 10.66
C1 DMS E . 2.25 -1.72 10.20
C1 DMS E . 2.25 -1.72 10.20
C2 DMS E . 2.46 -3.82 11.87
C2 DMS E . 2.46 -3.82 11.87
N1 A1BHA F . 5.82 -10.18 8.26
N1 A1BHA F . 5.82 -10.18 8.26
N3 A1BHA F . 4.99 -3.35 9.52
N3 A1BHA F . 4.99 -3.35 9.52
C4 A1BHA F . 4.76 -4.55 8.95
C4 A1BHA F . 4.76 -4.55 8.95
C5 A1BHA F . 5.92 -5.51 8.90
C5 A1BHA F . 5.92 -5.51 8.90
C6 A1BHA F . 5.49 -7.85 8.50
C6 A1BHA F . 5.49 -7.85 8.50
C7 A1BHA F . 5.75 -9.09 9.04
C7 A1BHA F . 5.75 -9.09 9.04
C8 A1BHA F . 5.62 -9.99 6.96
C8 A1BHA F . 5.62 -9.99 6.96
C10 A1BHA F . 3.96 -2.48 9.58
C10 A1BHA F . 3.96 -2.48 9.58
C13 A1BHA F . 5.12 0.40 11.65
C13 A1BHA F . 5.12 0.40 11.65
C1 A1BHA F . 0.25 -3.90 9.15
C1 A1BHA F . 0.25 -3.90 9.15
O1 A1BHA F . 1.27 -4.14 8.17
O1 A1BHA F . 1.27 -4.14 8.17
C2 A1BHA F . 2.53 -3.94 8.57
C2 A1BHA F . 2.53 -3.94 8.57
C3 A1BHA F . 3.52 -4.88 8.47
C3 A1BHA F . 3.52 -4.88 8.47
O2 A1BHA F . 5.43 -6.77 9.35
O2 A1BHA F . 5.43 -6.77 9.35
N2 A1BHA F . 5.36 -8.83 6.37
N2 A1BHA F . 5.36 -8.83 6.37
C9 A1BHA F . 5.29 -7.75 7.14
C9 A1BHA F . 5.29 -7.75 7.14
N4 A1BHA F . 4.11 -1.26 10.15
N4 A1BHA F . 4.11 -1.26 10.15
C11 A1BHA F . 3.15 -0.19 9.93
C11 A1BHA F . 3.15 -0.19 9.93
C12 A1BHA F . 2.75 0.52 11.21
C12 A1BHA F . 2.75 0.52 11.21
N5 A1BHA F . 3.78 0.39 12.25
N5 A1BHA F . 3.78 0.39 12.25
C14 A1BHA F . 5.35 -0.86 10.83
C14 A1BHA F . 5.35 -0.86 10.83
N6 A1BHA F . 2.72 -2.75 9.11
N6 A1BHA F . 2.72 -2.75 9.11
#